data_8PDC
#
_entry.id   8PDC
#
_cell.length_a   57.251
_cell.length_b   57.469
_cell.length_c   68.975
_cell.angle_alpha   90.00
_cell.angle_beta   90.00
_cell.angle_gamma   90.00
#
_symmetry.space_group_name_H-M   'P 21 21 21'
#
loop_
_entity.id
_entity.type
_entity.pdbx_description
1 polymer 'HPt domain-containing protein'
2 polymer 'histidine kinase'
3 non-polymer 'MAGNESIUM ION'
4 non-polymer 'BERYLLIUM TRIFLUORIDE ION'
5 water water
#
loop_
_entity_poly.entity_id
_entity_poly.type
_entity_poly.pdbx_seq_one_letter_code
_entity_poly.pdbx_strand_id
1 'polypeptide(L)'
;GPGADRAQDHNNNNTPRNSNYVVEEEEVSEEEEEAIMMPDFGDHVDTSIFGQILEMDEGDDHDFSAPLVLNFFEQAEETF
QKMETALNNKDLPELSKLGHFLKGSSATLGFTKIRDSCQLIQQYGHGLNVDGSSEPDEGVCLKKIAEALASARVDTVALH
KMMREFFEY
;
B
2 'polypeptide(L)'
;GPGQALTIKPSEKGGKLRVLVADDNTVNIEVVSRLLKLESIYDVTIAKDGQEAYELVKNAMETGERFDVIFMDIQMPNLD
GLQSTRLIRALGYNAPIVALTAFSEESNVKECMESGMNEFLSKPIRRPALKQVLAKFSTILEE
;
A
#
loop_
_chem_comp.id
_chem_comp.type
_chem_comp.name
_chem_comp.formula
BEF non-polymer 'BERYLLIUM TRIFLUORIDE ION' 'Be F3 -1'
MG non-polymer 'MAGNESIUM ION' 'Mg 2'
#
# COMPACT_ATOMS: atom_id res chain seq x y z
N PRO A 39 -1.27 23.08 10.05
CA PRO A 39 -0.36 24.08 9.43
C PRO A 39 -0.72 24.27 7.96
N ASP A 40 -0.03 25.22 7.30
CA ASP A 40 -0.19 25.47 5.87
C ASP A 40 0.72 24.53 5.10
N PHE A 41 0.13 23.54 4.43
CA PHE A 41 0.87 22.53 3.69
C PHE A 41 0.98 22.91 2.21
N GLY A 42 -0.07 23.57 1.69
CA GLY A 42 -0.08 24.01 0.30
C GLY A 42 -0.66 22.94 -0.61
N ASP A 43 0.03 22.71 -1.74
CA ASP A 43 -0.34 21.65 -2.68
C ASP A 43 0.32 20.34 -2.29
N HIS A 44 1.03 20.31 -1.15
CA HIS A 44 1.77 19.14 -0.72
C HIS A 44 0.85 18.09 -0.09
N VAL A 45 -0.28 18.51 0.46
CA VAL A 45 -1.15 17.61 1.20
C VAL A 45 -2.61 17.85 0.81
N ASP A 46 -3.35 16.76 0.56
CA ASP A 46 -4.80 16.80 0.49
C ASP A 46 -5.33 16.75 1.93
N THR A 47 -5.87 17.88 2.38
CA THR A 47 -6.25 18.06 3.78
C THR A 47 -7.36 17.10 4.18
N SER A 48 -8.30 16.86 3.26
CA SER A 48 -9.43 15.98 3.51
C SER A 48 -8.93 14.58 3.87
N ILE A 49 -7.98 14.06 3.09
CA ILE A 49 -7.46 12.72 3.26
C ILE A 49 -6.58 12.67 4.51
N PHE A 50 -5.70 13.67 4.65
CA PHE A 50 -4.81 13.74 5.80
C PHE A 50 -5.62 13.95 7.07
N GLY A 51 -6.71 14.72 6.98
CA GLY A 51 -7.60 14.96 8.11
C GLY A 51 -8.20 13.68 8.65
N GLN A 52 -8.49 12.74 7.74
CA GLN A 52 -9.07 11.46 8.11
C GLN A 52 -8.06 10.64 8.92
N ILE A 53 -6.76 10.83 8.66
CA ILE A 53 -5.72 10.19 9.43
C ILE A 53 -5.72 10.76 10.85
N LEU A 54 -5.92 12.07 10.98
CA LEU A 54 -5.90 12.73 12.28
C LEU A 54 -7.11 12.30 13.13
N GLU A 55 -8.23 11.99 12.45
CA GLU A 55 -9.42 11.49 13.12
C GLU A 55 -9.17 10.11 13.73
N MET A 56 -8.14 9.40 13.25
CA MET A 56 -7.81 8.08 13.77
C MET A 56 -7.00 8.19 15.06
N ASP A 57 -6.56 9.41 15.41
CA ASP A 57 -5.96 9.65 16.70
C ASP A 57 -7.05 9.55 17.78
N GLU A 58 -6.68 8.98 18.92
CA GLU A 58 -7.56 8.89 20.06
C GLU A 58 -7.68 10.26 20.74
N GLY A 59 -6.58 11.04 20.70
CA GLY A 59 -6.55 12.36 21.31
C GLY A 59 -6.12 13.45 20.34
N ASP A 60 -5.67 14.58 20.92
CA ASP A 60 -5.08 15.68 20.16
C ASP A 60 -3.56 15.58 20.20
N ASP A 61 -3.04 14.53 20.86
CA ASP A 61 -1.60 14.37 21.04
C ASP A 61 -0.94 13.72 19.82
N HIS A 62 -1.74 13.39 18.80
CA HIS A 62 -1.23 12.78 17.58
C HIS A 62 -0.55 11.46 17.94
N ASP A 63 -1.23 10.66 18.77
CA ASP A 63 -0.70 9.41 19.30
C ASP A 63 -0.47 8.40 18.18
N PHE A 64 -1.36 8.41 17.18
CA PHE A 64 -1.30 7.51 16.05
C PHE A 64 -0.60 8.19 14.86
N SER A 65 -0.99 9.44 14.59
CA SER A 65 -0.59 10.15 13.39
C SER A 65 0.92 10.40 13.35
N ALA A 66 1.50 10.82 14.48
CA ALA A 66 2.88 11.27 14.52
C ALA A 66 3.84 10.12 14.26
N PRO A 67 3.71 8.95 14.92
CA PRO A 67 4.52 7.78 14.58
C PRO A 67 4.37 7.32 13.13
N LEU A 68 3.15 7.41 12.60
CA LEU A 68 2.82 6.91 11.28
C LEU A 68 3.52 7.74 10.22
N VAL A 69 3.47 9.07 10.37
CA VAL A 69 4.08 9.98 9.42
C VAL A 69 5.61 9.91 9.58
N LEU A 70 6.08 9.61 10.78
CA LEU A 70 7.51 9.44 11.01
C LEU A 70 8.00 8.18 10.31
N ASN A 71 7.21 7.10 10.40
CA ASN A 71 7.53 5.85 9.75
C ASN A 71 7.58 6.05 8.23
N PHE A 72 6.62 6.80 7.70
CA PHE A 72 6.54 7.05 6.27
C PHE A 72 7.82 7.65 5.73
N PHE A 73 8.43 8.58 6.47
CA PHE A 73 9.64 9.26 6.02
C PHE A 73 10.84 8.32 6.03
N GLU A 74 10.87 7.38 6.99
CA GLU A 74 11.91 6.37 7.04
C GLU A 74 11.79 5.47 5.80
N GLN A 75 10.54 5.06 5.53
CA GLN A 75 10.21 4.23 4.39
C GLN A 75 10.54 4.93 3.08
N ALA A 76 10.16 6.21 2.98
CA ALA A 76 10.38 7.00 1.78
C ALA A 76 11.87 7.06 1.43
N GLU A 77 12.72 7.29 2.43
CA GLU A 77 14.16 7.45 2.20
C GLU A 77 14.74 6.13 1.70
N GLU A 78 14.35 5.03 2.37
CA GLU A 78 14.82 3.70 2.01
C GLU A 78 14.38 3.34 0.60
N THR A 79 13.11 3.64 0.27
CA THR A 79 12.56 3.39 -1.05
C THR A 79 13.32 4.17 -2.12
N PHE A 80 13.62 5.45 -1.86
CA PHE A 80 14.39 6.26 -2.79
C PHE A 80 15.76 5.63 -3.03
N GLN A 81 16.36 5.05 -1.98
CA GLN A 81 17.68 4.45 -2.08
C GLN A 81 17.63 3.17 -2.90
N LYS A 82 16.55 2.39 -2.77
CA LYS A 82 16.36 1.18 -3.56
C LYS A 82 16.09 1.53 -5.01
N MET A 83 15.46 2.68 -5.25
CA MET A 83 15.16 3.13 -6.60
C MET A 83 16.47 3.51 -7.32
N GLU A 84 17.38 4.17 -6.60
CA GLU A 84 18.66 4.58 -7.14
C GLU A 84 19.48 3.36 -7.57
N THR A 85 19.51 2.32 -6.72
CA THR A 85 20.19 1.08 -7.04
C THR A 85 19.59 0.49 -8.32
N ALA A 86 18.26 0.48 -8.41
CA ALA A 86 17.55 -0.12 -9.53
C ALA A 86 17.84 0.65 -10.82
N LEU A 87 17.88 1.98 -10.74
CA LEU A 87 18.27 2.82 -11.87
C LEU A 87 19.69 2.47 -12.31
N ASN A 88 20.57 2.24 -11.33
CA ASN A 88 21.96 1.87 -11.58
C ASN A 88 22.00 0.52 -12.29
N ASN A 89 21.21 -0.44 -11.79
CA ASN A 89 21.10 -1.76 -12.40
C ASN A 89 20.16 -1.71 -13.60
N LYS A 90 19.48 -0.57 -13.80
CA LYS A 90 18.60 -0.35 -14.94
C LYS A 90 17.51 -1.42 -14.96
N ASP A 91 16.93 -1.67 -13.78
CA ASP A 91 15.88 -2.67 -13.62
C ASP A 91 14.53 -1.94 -13.59
N LEU A 92 13.91 -1.78 -14.77
CA LEU A 92 12.65 -1.07 -14.89
C LEU A 92 11.53 -1.79 -14.13
N PRO A 93 11.44 -3.13 -14.19
CA PRO A 93 10.44 -3.85 -13.41
C PRO A 93 10.52 -3.62 -11.90
N GLU A 94 11.75 -3.61 -11.35
CA GLU A 94 11.96 -3.38 -9.93
C GLU A 94 11.49 -1.98 -9.56
N LEU A 95 11.80 -1.01 -10.42
CA LEU A 95 11.40 0.38 -10.24
C LEU A 95 9.88 0.52 -10.27
N SER A 96 9.21 -0.27 -11.11
CA SER A 96 7.77 -0.22 -11.20
C SER A 96 7.13 -0.64 -9.86
N LYS A 97 7.71 -1.67 -9.23
CA LYS A 97 7.21 -2.19 -7.97
C LYS A 97 7.49 -1.19 -6.84
N LEU A 98 8.64 -0.52 -6.91
CA LEU A 98 9.03 0.45 -5.89
C LEU A 98 8.15 1.69 -5.97
N GLY A 99 7.83 2.12 -7.21
CA GLY A 99 6.94 3.24 -7.44
C GLY A 99 5.56 2.97 -6.86
N HIS A 100 5.04 1.76 -7.10
CA HIS A 100 3.73 1.35 -6.64
C HIS A 100 3.71 1.21 -5.12
N PHE A 101 4.80 0.64 -4.57
CA PHE A 101 4.94 0.45 -3.15
C PHE A 101 4.68 1.75 -2.39
N LEU A 102 5.41 2.81 -2.76
CA LEU A 102 5.37 4.06 -2.03
C LEU A 102 4.13 4.86 -2.40
N LYS A 103 3.51 4.56 -3.54
CA LYS A 103 2.29 5.24 -3.96
C LYS A 103 1.18 4.99 -2.93
N GLY A 104 1.13 3.78 -2.37
CA GLY A 104 0.06 3.40 -1.45
C GLY A 104 0.17 4.11 -0.10
N SER A 105 1.40 4.29 0.39
CA SER A 105 1.60 4.92 1.69
C SER A 105 1.42 6.44 1.55
N SER A 106 1.93 7.03 0.47
CA SER A 106 1.77 8.45 0.22
C SER A 106 0.30 8.78 -0.05
N ALA A 107 -0.42 7.85 -0.69
CA ALA A 107 -1.82 8.03 -1.00
C ALA A 107 -2.67 8.03 0.26
N THR A 108 -2.30 7.19 1.25
CA THR A 108 -3.07 7.04 2.47
C THR A 108 -2.96 8.29 3.34
N LEU A 109 -1.78 8.92 3.32
CA LEU A 109 -1.51 10.10 4.14
C LEU A 109 -1.96 11.38 3.43
N GLY A 110 -2.29 11.28 2.13
CA GLY A 110 -2.76 12.41 1.37
C GLY A 110 -1.62 13.27 0.80
N PHE A 111 -0.44 12.66 0.61
CA PHE A 111 0.73 13.36 0.11
C PHE A 111 0.75 13.28 -1.42
N THR A 112 -0.04 14.17 -2.04
CA THR A 112 -0.44 14.03 -3.44
C THR A 112 0.75 14.17 -4.37
N LYS A 113 1.67 15.09 -4.06
CA LYS A 113 2.83 15.35 -4.91
C LYS A 113 3.71 14.11 -4.98
N ILE A 114 3.97 13.47 -3.84
CA ILE A 114 4.80 12.28 -3.80
C ILE A 114 4.06 11.12 -4.47
N ARG A 115 2.74 11.06 -4.25
CA ARG A 115 1.90 10.01 -4.84
C ARG A 115 1.97 10.08 -6.37
N ASP A 116 1.91 11.29 -6.93
CA ASP A 116 1.85 11.46 -8.38
C ASP A 116 3.20 11.12 -9.02
N SER A 117 4.30 11.56 -8.39
CA SER A 117 5.64 11.15 -8.80
C SER A 117 5.76 9.63 -8.76
N CYS A 118 5.14 9.01 -7.75
CA CYS A 118 5.21 7.57 -7.58
C CYS A 118 4.40 6.86 -8.66
N GLN A 119 3.27 7.46 -9.05
CA GLN A 119 2.44 6.94 -10.13
C GLN A 119 3.26 6.95 -11.43
N LEU A 120 4.04 8.02 -11.65
CA LEU A 120 4.83 8.14 -12.85
C LEU A 120 5.94 7.07 -12.87
N ILE A 121 6.58 6.83 -11.72
CA ILE A 121 7.64 5.83 -11.64
C ILE A 121 7.07 4.43 -11.88
N GLN A 122 5.83 4.20 -11.46
CA GLN A 122 5.16 2.93 -11.66
C GLN A 122 4.94 2.69 -13.16
N GLN A 123 4.48 3.72 -13.87
CA GLN A 123 4.15 3.59 -15.28
C GLN A 123 5.41 3.49 -16.13
N TYR A 124 6.38 4.38 -15.90
CA TYR A 124 7.62 4.37 -16.67
C TYR A 124 8.37 3.06 -16.45
N GLY A 125 8.22 2.46 -15.27
CA GLY A 125 8.81 1.16 -14.96
C GLY A 125 8.19 0.04 -15.78
N HIS A 126 6.91 0.22 -16.16
CA HIS A 126 6.22 -0.71 -17.06
C HIS A 126 6.52 -0.35 -18.52
N GLY A 127 7.37 0.66 -18.74
CA GLY A 127 7.67 1.16 -20.06
C GLY A 127 6.51 1.93 -20.68
N LEU A 128 5.65 2.51 -19.83
CA LEU A 128 4.45 3.20 -20.27
C LEU A 128 4.64 4.71 -20.14
N ASN A 129 4.26 5.44 -21.19
CA ASN A 129 4.18 6.89 -21.16
C ASN A 129 2.89 7.29 -20.45
N VAL A 130 2.73 8.60 -20.25
CA VAL A 130 1.56 9.16 -19.57
C VAL A 130 0.31 8.88 -20.40
N ASP A 131 0.43 8.90 -21.73
CA ASP A 131 -0.72 8.74 -22.62
C ASP A 131 -1.08 7.27 -22.76
N GLY A 132 -0.27 6.37 -22.20
CA GLY A 132 -0.56 4.95 -22.18
C GLY A 132 0.22 4.17 -23.25
N SER A 133 0.92 4.90 -24.13
CA SER A 133 1.76 4.30 -25.15
C SER A 133 2.98 3.64 -24.50
N SER A 134 3.60 2.71 -25.23
CA SER A 134 4.82 2.06 -24.77
C SER A 134 6.03 2.87 -25.25
N GLU A 135 7.02 3.00 -24.38
CA GLU A 135 8.28 3.63 -24.72
C GLU A 135 9.29 2.51 -25.02
N PRO A 136 9.70 2.32 -26.29
CA PRO A 136 10.73 1.32 -26.61
C PRO A 136 12.11 1.74 -26.09
N ASP A 137 12.31 3.05 -25.96
CA ASP A 137 13.58 3.61 -25.52
C ASP A 137 13.70 3.47 -24.01
N GLU A 138 14.48 2.48 -23.57
CA GLU A 138 14.76 2.26 -22.17
C GLU A 138 15.38 3.52 -21.55
N GLY A 139 16.32 4.13 -22.26
CA GLY A 139 17.00 5.34 -21.80
C GLY A 139 16.03 6.42 -21.34
N VAL A 140 14.96 6.66 -22.13
CA VAL A 140 13.98 7.69 -21.84
C VAL A 140 13.26 7.34 -20.55
N CYS A 141 12.93 6.05 -20.38
CA CYS A 141 12.24 5.59 -19.18
C CYS A 141 13.10 5.82 -17.94
N LEU A 142 14.35 5.31 -18.00
CA LEU A 142 15.34 5.53 -16.96
C LEU A 142 15.43 7.02 -16.61
N LYS A 143 15.58 7.86 -17.64
CA LYS A 143 15.76 9.29 -17.45
C LYS A 143 14.54 9.90 -16.74
N LYS A 144 13.34 9.59 -17.23
CA LYS A 144 12.12 10.20 -16.72
C LYS A 144 11.82 9.71 -15.30
N ILE A 145 12.22 8.48 -14.99
CA ILE A 145 12.10 7.95 -13.63
C ILE A 145 12.97 8.78 -12.69
N ALA A 146 14.22 9.04 -13.10
CA ALA A 146 15.14 9.87 -12.34
C ALA A 146 14.56 11.26 -12.10
N GLU A 147 13.91 11.84 -13.13
CA GLU A 147 13.31 13.16 -13.02
C GLU A 147 12.18 13.16 -12.01
N ALA A 148 11.37 12.09 -12.02
CA ALA A 148 10.25 11.96 -11.09
C ALA A 148 10.76 11.70 -9.68
N LEU A 149 11.85 10.95 -9.56
CA LEU A 149 12.47 10.66 -8.28
C LEU A 149 13.03 11.94 -7.67
N ALA A 150 13.61 12.80 -8.51
CA ALA A 150 14.09 14.09 -8.08
C ALA A 150 12.95 14.93 -7.51
N SER A 151 11.81 14.97 -8.20
CA SER A 151 10.64 15.68 -7.70
C SER A 151 10.23 15.14 -6.33
N ALA A 152 10.24 13.81 -6.19
CA ALA A 152 9.82 13.17 -4.95
C ALA A 152 10.78 13.51 -3.80
N ARG A 153 12.09 13.55 -4.08
CA ARG A 153 13.05 13.83 -3.03
C ARG A 153 12.88 15.28 -2.56
N VAL A 154 12.68 16.20 -3.50
CA VAL A 154 12.50 17.60 -3.17
C VAL A 154 11.21 17.78 -2.37
N ASP A 155 10.11 17.23 -2.86
CA ASP A 155 8.82 17.38 -2.19
C ASP A 155 8.84 16.69 -0.82
N THR A 156 9.65 15.62 -0.68
CA THR A 156 9.76 14.94 0.60
C THR A 156 10.45 15.83 1.63
N VAL A 157 11.54 16.50 1.22
CA VAL A 157 12.28 17.37 2.12
C VAL A 157 11.36 18.52 2.57
N ALA A 158 10.65 19.11 1.60
CA ALA A 158 9.73 20.21 1.86
C ALA A 158 8.68 19.79 2.88
N LEU A 159 8.14 18.58 2.71
CA LEU A 159 7.04 18.10 3.54
C LEU A 159 7.55 17.67 4.90
N HIS A 160 8.82 17.24 4.98
CA HIS A 160 9.42 16.81 6.23
C HIS A 160 9.45 17.95 7.25
N LYS A 161 9.66 19.19 6.77
CA LYS A 161 9.72 20.36 7.62
C LYS A 161 8.31 20.72 8.10
N MET A 162 7.38 20.86 7.15
CA MET A 162 6.00 21.20 7.46
C MET A 162 5.46 20.28 8.56
N MET A 163 5.80 18.99 8.47
CA MET A 163 5.31 17.97 9.38
C MET A 163 6.02 18.07 10.72
N ARG A 164 7.36 18.17 10.69
CA ARG A 164 8.17 18.19 11.89
C ARG A 164 7.76 19.36 12.78
N GLU A 165 7.31 20.45 12.15
CA GLU A 165 6.74 21.59 12.86
C GLU A 165 5.39 21.20 13.48
N PHE A 166 4.43 20.84 12.61
CA PHE A 166 3.04 20.65 13.00
C PHE A 166 2.89 19.62 14.13
N PHE A 167 3.59 18.49 14.00
CA PHE A 167 3.54 17.45 15.01
C PHE A 167 4.36 17.87 16.23
N GLU A 168 5.41 18.66 15.99
CA GLU A 168 6.30 19.13 17.04
C GLU A 168 7.03 17.95 17.68
N GLY B 15 -17.82 -14.66 17.61
CA GLY B 15 -17.80 -13.40 18.38
C GLY B 15 -16.54 -12.60 18.08
N LYS B 16 -15.38 -13.22 18.38
CA LYS B 16 -14.09 -12.65 18.05
C LYS B 16 -13.72 -13.04 16.62
N LEU B 17 -13.28 -12.06 15.83
CA LEU B 17 -12.80 -12.31 14.48
C LEU B 17 -11.29 -12.50 14.49
N ARG B 18 -10.84 -13.48 13.71
CA ARG B 18 -9.42 -13.72 13.47
C ARG B 18 -9.12 -13.32 12.04
N VAL B 19 -8.31 -12.26 11.88
CA VAL B 19 -8.11 -11.60 10.59
C VAL B 19 -6.64 -11.69 10.20
N LEU B 20 -6.41 -11.90 8.90
CA LEU B 20 -5.07 -11.83 8.33
C LEU B 20 -4.98 -10.63 7.40
N VAL B 21 -3.94 -9.80 7.61
CA VAL B 21 -3.63 -8.68 6.75
C VAL B 21 -2.26 -8.92 6.12
N ALA B 22 -2.21 -8.96 4.79
CA ALA B 22 -0.98 -9.17 4.05
C ALA B 22 -0.69 -7.94 3.19
N ASP B 23 0.40 -7.24 3.53
CA ASP B 23 0.92 -6.12 2.76
C ASP B 23 2.41 -5.98 3.07
N ASP B 24 3.17 -5.45 2.11
CA ASP B 24 4.61 -5.26 2.26
C ASP B 24 4.91 -3.87 2.81
N ASN B 25 3.88 -3.02 2.91
CA ASN B 25 4.03 -1.63 3.30
C ASN B 25 3.46 -1.44 4.71
N THR B 26 4.35 -1.15 5.67
CA THR B 26 3.99 -1.10 7.09
C THR B 26 3.06 0.07 7.38
N VAL B 27 3.15 1.15 6.58
CA VAL B 27 2.27 2.30 6.72
C VAL B 27 0.82 1.87 6.51
N ASN B 28 0.56 1.16 5.41
CA ASN B 28 -0.77 0.70 5.09
C ASN B 28 -1.24 -0.32 6.13
N ILE B 29 -0.31 -1.14 6.63
CA ILE B 29 -0.62 -2.13 7.66
C ILE B 29 -1.17 -1.42 8.89
N GLU B 30 -0.45 -0.38 9.36
CA GLU B 30 -0.79 0.27 10.61
C GLU B 30 -2.14 0.99 10.50
N VAL B 31 -2.47 1.50 9.31
CA VAL B 31 -3.72 2.20 9.08
C VAL B 31 -4.87 1.20 9.13
N VAL B 32 -4.70 0.08 8.44
CA VAL B 32 -5.72 -0.96 8.39
C VAL B 32 -5.91 -1.54 9.79
N SER B 33 -4.81 -1.73 10.52
CA SER B 33 -4.87 -2.29 11.87
C SER B 33 -5.64 -1.37 12.81
N ARG B 34 -5.43 -0.04 12.68
CA ARG B 34 -6.17 0.92 13.48
C ARG B 34 -7.66 0.81 13.17
N LEU B 35 -8.00 0.88 11.88
CA LEU B 35 -9.39 0.84 11.45
C LEU B 35 -10.06 -0.44 11.95
N LEU B 36 -9.31 -1.55 11.97
CA LEU B 36 -9.83 -2.81 12.50
C LEU B 36 -10.00 -2.73 14.02
N LYS B 37 -9.04 -2.11 14.71
CA LYS B 37 -9.12 -1.98 16.16
C LYS B 37 -10.34 -1.14 16.55
N LEU B 38 -10.61 -0.08 15.78
CA LEU B 38 -11.79 0.75 15.98
C LEU B 38 -13.06 -0.06 15.82
N GLU B 39 -13.01 -1.09 14.97
CA GLU B 39 -14.16 -1.98 14.74
C GLU B 39 -14.14 -3.17 15.68
N SER B 40 -13.36 -3.06 16.78
CA SER B 40 -13.33 -4.06 17.84
C SER B 40 -12.79 -5.40 17.33
N ILE B 41 -11.79 -5.34 16.44
CA ILE B 41 -11.12 -6.51 15.92
C ILE B 41 -9.66 -6.44 16.32
N TYR B 42 -9.23 -7.38 17.19
CA TYR B 42 -7.93 -7.31 17.84
C TYR B 42 -7.03 -8.45 17.38
N ASP B 43 -7.62 -9.64 17.16
CA ASP B 43 -6.88 -10.79 16.70
C ASP B 43 -6.54 -10.60 15.21
N VAL B 44 -5.47 -9.84 14.96
CA VAL B 44 -5.03 -9.52 13.62
C VAL B 44 -3.60 -10.03 13.45
N THR B 45 -3.40 -10.92 12.48
CA THR B 45 -2.08 -11.44 12.15
C THR B 45 -1.59 -10.72 10.89
N ILE B 46 -0.28 -10.45 10.82
CA ILE B 46 0.31 -9.69 9.73
C ILE B 46 1.19 -10.61 8.88
N ALA B 47 1.05 -10.46 7.55
CA ALA B 47 1.98 -11.04 6.58
C ALA B 47 2.64 -9.91 5.80
N LYS B 48 3.96 -10.01 5.61
CA LYS B 48 4.71 -8.97 4.92
C LYS B 48 4.79 -9.24 3.42
N ASP B 49 4.47 -10.47 3.01
CA ASP B 49 4.43 -10.84 1.60
C ASP B 49 3.48 -12.02 1.41
N GLY B 50 3.28 -12.43 0.16
CA GLY B 50 2.31 -13.44 -0.19
C GLY B 50 2.75 -14.86 0.18
N GLN B 51 4.06 -15.07 0.33
CA GLN B 51 4.56 -16.38 0.75
C GLN B 51 4.24 -16.60 2.23
N GLU B 52 4.47 -15.56 3.05
CA GLU B 52 4.09 -15.59 4.46
C GLU B 52 2.58 -15.83 4.57
N ALA B 53 1.80 -15.15 3.72
CA ALA B 53 0.35 -15.27 3.76
C ALA B 53 -0.08 -16.71 3.53
N TYR B 54 0.49 -17.36 2.52
CA TYR B 54 0.21 -18.76 2.24
C TYR B 54 0.56 -19.62 3.44
N GLU B 55 1.76 -19.40 4.02
CA GLU B 55 2.26 -20.19 5.14
C GLU B 55 1.33 -20.04 6.35
N LEU B 56 0.82 -18.82 6.57
CA LEU B 56 -0.02 -18.53 7.73
C LEU B 56 -1.38 -19.20 7.60
N VAL B 57 -1.92 -19.25 6.38
CA VAL B 57 -3.21 -19.87 6.14
C VAL B 57 -3.07 -21.38 6.26
N LYS B 58 -1.99 -21.92 5.68
CA LYS B 58 -1.67 -23.33 5.77
C LYS B 58 -1.55 -23.74 7.24
N ASN B 59 -0.78 -22.97 8.00
CA ASN B 59 -0.61 -23.22 9.43
C ASN B 59 -1.96 -23.15 10.14
N ALA B 60 -2.78 -22.16 9.77
CA ALA B 60 -4.06 -21.92 10.42
C ALA B 60 -5.02 -23.09 10.19
N MET B 61 -4.95 -23.70 9.01
CA MET B 61 -5.78 -24.86 8.70
C MET B 61 -5.22 -26.10 9.38
N GLU B 62 -3.89 -26.16 9.54
CA GLU B 62 -3.22 -27.29 10.16
C GLU B 62 -3.51 -27.34 11.66
N THR B 63 -3.60 -26.16 12.29
CA THR B 63 -3.82 -26.07 13.73
C THR B 63 -5.31 -25.94 14.05
N GLY B 64 -6.15 -25.81 13.01
CA GLY B 64 -7.60 -25.78 13.17
C GLY B 64 -8.14 -24.40 13.53
N GLU B 65 -7.30 -23.35 13.40
CA GLU B 65 -7.69 -21.99 13.69
C GLU B 65 -7.99 -21.25 12.38
N ARG B 66 -9.27 -21.12 12.03
CA ARG B 66 -9.65 -20.52 10.75
C ARG B 66 -9.58 -19.00 10.83
N PHE B 67 -8.91 -18.38 9.85
CA PHE B 67 -9.05 -16.96 9.60
C PHE B 67 -10.42 -16.71 8.99
N ASP B 68 -11.14 -15.74 9.55
CA ASP B 68 -12.52 -15.47 9.17
C ASP B 68 -12.54 -14.56 7.93
N VAL B 69 -11.49 -13.75 7.76
CA VAL B 69 -11.31 -12.94 6.56
C VAL B 69 -9.81 -12.69 6.35
N ILE B 70 -9.42 -12.53 5.07
CA ILE B 70 -8.06 -12.15 4.71
C ILE B 70 -8.09 -10.85 3.91
N PHE B 71 -7.16 -9.94 4.24
CA PHE B 71 -6.93 -8.76 3.43
C PHE B 71 -5.57 -8.92 2.73
N MET B 72 -5.59 -8.81 1.40
CA MET B 72 -4.47 -9.22 0.56
C MET B 72 -4.10 -8.08 -0.38
N ASP B 73 -2.94 -7.47 -0.13
CA ASP B 73 -2.33 -6.52 -1.05
C ASP B 73 -1.97 -7.26 -2.34
N ILE B 74 -2.00 -6.55 -3.48
CA ILE B 74 -1.80 -7.20 -4.77
C ILE B 74 -0.31 -7.39 -5.03
N GLN B 75 0.48 -6.32 -4.86
CA GLN B 75 1.90 -6.37 -5.19
C GLN B 75 2.72 -6.53 -3.92
N MET B 76 3.51 -7.61 -3.87
CA MET B 76 4.35 -7.95 -2.73
C MET B 76 5.53 -8.77 -3.23
N PRO B 77 6.72 -8.69 -2.59
CA PRO B 77 7.88 -9.48 -3.02
C PRO B 77 7.69 -10.96 -2.73
N ASN B 78 8.53 -11.80 -3.36
CA ASN B 78 8.59 -13.23 -3.14
C ASN B 78 7.39 -13.93 -3.79
N LEU B 79 6.19 -13.47 -3.45
CA LEU B 79 4.96 -13.97 -4.06
C LEU B 79 3.88 -12.90 -3.95
N ASP B 80 3.29 -12.53 -5.09
CA ASP B 80 2.34 -11.44 -5.13
C ASP B 80 0.98 -11.93 -4.61
N GLY B 81 0.04 -11.00 -4.47
CA GLY B 81 -1.25 -11.27 -3.87
C GLY B 81 -2.13 -12.17 -4.73
N LEU B 82 -2.03 -12.01 -6.05
CA LEU B 82 -2.82 -12.82 -6.96
C LEU B 82 -2.44 -14.29 -6.80
N GLN B 83 -1.14 -14.56 -6.78
CA GLN B 83 -0.63 -15.93 -6.75
C GLN B 83 -0.87 -16.55 -5.37
N SER B 84 -0.67 -15.75 -4.32
CA SER B 84 -0.91 -16.19 -2.95
C SER B 84 -2.36 -16.64 -2.79
N THR B 85 -3.29 -15.83 -3.35
CA THR B 85 -4.72 -16.11 -3.28
C THR B 85 -5.07 -17.42 -3.99
N ARG B 86 -4.52 -17.64 -5.18
CA ARG B 86 -4.76 -18.86 -5.93
C ARG B 86 -4.31 -20.08 -5.11
N LEU B 87 -3.10 -20.00 -4.51
CA LEU B 87 -2.57 -21.06 -3.67
C LEU B 87 -3.46 -21.29 -2.46
N ILE B 88 -4.00 -20.21 -1.89
CA ILE B 88 -4.84 -20.28 -0.72
C ILE B 88 -6.14 -21.01 -1.06
N ARG B 89 -6.75 -20.67 -2.20
CA ARG B 89 -7.93 -21.37 -2.68
C ARG B 89 -7.58 -22.83 -2.97
N ALA B 90 -6.38 -23.07 -3.50
CA ALA B 90 -5.92 -24.42 -3.79
C ALA B 90 -5.83 -25.25 -2.52
N LEU B 91 -5.43 -24.63 -1.40
CA LEU B 91 -5.39 -25.29 -0.10
C LEU B 91 -6.79 -25.73 0.34
N GLY B 92 -7.82 -25.00 -0.11
CA GLY B 92 -9.20 -25.28 0.25
C GLY B 92 -9.74 -24.29 1.27
N TYR B 93 -9.07 -23.14 1.45
CA TYR B 93 -9.58 -22.05 2.26
C TYR B 93 -10.67 -21.32 1.48
N ASN B 94 -11.88 -21.29 2.04
CA ASN B 94 -13.07 -20.90 1.29
C ASN B 94 -13.75 -19.67 1.91
N ALA B 95 -13.07 -19.00 2.84
CA ALA B 95 -13.62 -17.81 3.47
C ALA B 95 -13.27 -16.59 2.62
N PRO B 96 -13.87 -15.40 2.87
CA PRO B 96 -13.64 -14.22 2.04
C PRO B 96 -12.19 -13.76 1.99
N ILE B 97 -11.78 -13.24 0.81
CA ILE B 97 -10.50 -12.57 0.65
C ILE B 97 -10.75 -11.22 -0.02
N VAL B 98 -10.23 -10.16 0.60
CA VAL B 98 -10.44 -8.80 0.16
C VAL B 98 -9.12 -8.22 -0.34
N ALA B 99 -9.14 -7.66 -1.55
CA ALA B 99 -7.97 -7.04 -2.14
C ALA B 99 -7.78 -5.64 -1.57
N LEU B 100 -6.55 -5.36 -1.12
CA LEU B 100 -6.10 -4.00 -0.84
C LEU B 100 -5.32 -3.51 -2.04
N THR B 101 -5.87 -2.51 -2.75
CA THR B 101 -5.38 -2.14 -4.07
C THR B 101 -4.99 -0.67 -4.11
N ALA B 102 -4.08 -0.35 -5.04
CA ALA B 102 -3.77 1.02 -5.39
C ALA B 102 -4.00 1.19 -6.90
N PHE B 103 -5.29 1.35 -7.25
CA PHE B 103 -5.78 1.26 -8.62
C PHE B 103 -5.00 2.17 -9.58
N SER B 104 -4.40 1.55 -10.60
CA SER B 104 -3.92 2.25 -11.79
C SER B 104 -4.76 1.88 -13.01
N GLU B 105 -5.72 0.96 -12.82
CA GLU B 105 -6.65 0.56 -13.85
C GLU B 105 -7.97 0.13 -13.19
N GLU B 106 -8.97 -0.19 -14.01
CA GLU B 106 -10.33 -0.44 -13.54
C GLU B 106 -10.66 -1.93 -13.53
N SER B 107 -10.24 -2.62 -14.60
CA SER B 107 -10.54 -4.04 -14.77
C SER B 107 -9.49 -4.92 -14.09
N ASN B 108 -8.51 -4.29 -13.44
CA ASN B 108 -7.57 -4.97 -12.58
C ASN B 108 -8.30 -5.97 -11.67
N VAL B 109 -9.58 -5.66 -11.39
CA VAL B 109 -10.43 -6.49 -10.54
C VAL B 109 -10.69 -7.85 -11.19
N LYS B 110 -10.75 -7.92 -12.53
CA LYS B 110 -11.13 -9.16 -13.20
C LYS B 110 -10.08 -10.24 -12.95
N GLU B 111 -8.80 -9.90 -13.11
CA GLU B 111 -7.72 -10.82 -12.83
C GLU B 111 -7.71 -11.18 -11.34
N CYS B 112 -8.06 -10.19 -10.49
CA CYS B 112 -8.15 -10.40 -9.06
C CYS B 112 -9.23 -11.43 -8.71
N MET B 113 -10.39 -11.31 -9.35
CA MET B 113 -11.49 -12.23 -9.10
C MET B 113 -11.18 -13.60 -9.69
N GLU B 114 -10.50 -13.59 -10.85
CA GLU B 114 -10.03 -14.82 -11.47
C GLU B 114 -9.02 -15.54 -10.58
N SER B 115 -8.32 -14.79 -9.72
CA SER B 115 -7.30 -15.36 -8.85
C SER B 115 -7.91 -15.90 -7.57
N GLY B 116 -9.12 -15.44 -7.22
CA GLY B 116 -9.87 -15.99 -6.11
C GLY B 116 -10.31 -14.93 -5.08
N MET B 117 -10.04 -13.65 -5.35
CA MET B 117 -10.43 -12.58 -4.45
C MET B 117 -11.92 -12.29 -4.62
N ASN B 118 -12.54 -11.73 -3.56
CA ASN B 118 -13.98 -11.59 -3.47
C ASN B 118 -14.39 -10.12 -3.50
N GLU B 119 -13.74 -9.31 -2.65
CA GLU B 119 -14.11 -7.92 -2.47
C GLU B 119 -12.89 -7.03 -2.68
N PHE B 120 -13.13 -5.72 -2.75
CA PHE B 120 -12.13 -4.79 -3.24
C PHE B 120 -12.15 -3.50 -2.44
N LEU B 121 -10.97 -3.16 -1.88
CA LEU B 121 -10.73 -1.89 -1.22
C LEU B 121 -9.56 -1.20 -1.90
N SER B 122 -9.75 0.08 -2.21
CA SER B 122 -8.73 0.89 -2.86
C SER B 122 -8.15 1.85 -1.84
N LYS B 123 -6.81 1.88 -1.75
CA LYS B 123 -6.13 2.85 -0.90
C LYS B 123 -6.40 4.25 -1.45
N PRO B 124 -6.72 5.27 -0.61
CA PRO B 124 -6.73 5.15 0.85
C PRO B 124 -7.93 4.39 1.41
N ILE B 125 -7.67 3.52 2.39
CA ILE B 125 -8.71 2.72 3.03
C ILE B 125 -9.25 3.50 4.22
N ARG B 126 -10.59 3.55 4.33
CA ARG B 126 -11.25 4.28 5.40
C ARG B 126 -12.35 3.42 6.01
N ARG B 127 -12.85 3.88 7.17
CA ARG B 127 -13.76 3.13 8.01
C ARG B 127 -15.06 2.81 7.28
N PRO B 128 -15.69 3.76 6.54
CA PRO B 128 -16.93 3.47 5.82
C PRO B 128 -16.85 2.24 4.93
N ALA B 129 -15.81 2.17 4.09
CA ALA B 129 -15.69 1.11 3.11
C ALA B 129 -15.35 -0.22 3.77
N LEU B 130 -14.44 -0.19 4.74
CA LEU B 130 -14.05 -1.40 5.46
C LEU B 130 -15.28 -2.01 6.14
N LYS B 131 -16.12 -1.15 6.74
CA LYS B 131 -17.31 -1.61 7.46
C LYS B 131 -18.30 -2.29 6.53
N GLN B 132 -18.49 -1.73 5.32
CA GLN B 132 -19.40 -2.31 4.35
C GLN B 132 -18.95 -3.72 3.99
N VAL B 133 -17.64 -3.91 3.81
CA VAL B 133 -17.07 -5.21 3.49
C VAL B 133 -17.33 -6.19 4.62
N LEU B 134 -17.14 -5.75 5.87
CA LEU B 134 -17.21 -6.64 7.01
C LEU B 134 -18.65 -7.06 7.28
N ALA B 135 -19.60 -6.18 6.96
CA ALA B 135 -21.02 -6.44 7.19
C ALA B 135 -21.48 -7.66 6.40
N LYS B 136 -20.93 -7.85 5.19
CA LYS B 136 -21.41 -8.87 4.28
C LYS B 136 -20.74 -10.22 4.61
MG MG C . 2.54 -4.01 -1.88
BE BEF D . -0.23 -3.14 -3.26
F1 BEF D . 1.26 -3.12 -3.13
F2 BEF D . -0.72 -1.78 -2.85
F3 BEF D . -0.84 -3.55 -4.57
#